data_6FMP
#
_entry.id   6FMP
#
_cell.length_a   76.409
_cell.length_b   76.259
_cell.length_c   208.284
_cell.angle_alpha   90.00
_cell.angle_beta   90.00
_cell.angle_gamma   90.00
#
_symmetry.space_group_name_H-M   'P 21 21 21'
#
loop_
_entity.id
_entity.type
_entity.pdbx_description
1 polymer 'Kelch-like ECH-associated protein 1'
2 polymer ACY-ASP-GLU-GLU-THR-GLY-GLU-PHE
3 non-polymer 'ACETATE ION'
4 non-polymer 1,2-ETHANEDIOL
5 non-polymer 'CHLORIDE ION'
6 non-polymer 'SODIUM ION'
7 water water
#
loop_
_entity_poly.entity_id
_entity_poly.type
_entity_poly.pdbx_seq_one_letter_code
_entity_poly.pdbx_strand_id
1 'polypeptide(L)'
;MAMGSSHHHHHHHHSSGLVPRGSHMASMSDSEVNQEAKPEVKPEVKPETHINLKVSDGSSEIFFKIKKTTPLRRLMEAFA
KRQGKEMDSLRFLYDGIRIQADQTPEDLDMEDNDIIEAHREQIGGAPKVGRLIYTAGGYFRQSLSYLEAYNPSDGTWLRL
ADLQVPRSGLAGCVVGGLLYAVGGRNNSPDGNTDSSALDCYNPMTNQWSPCAPMSVPRNRIGVGVIDGHIYAVGGSHGCI
HHNSVERYEPERDEWHLVAPMLTRRIGVGVAVLNRLLYAVGGFDGTNRLNSAECYYPERNEWRMITAMNTIRSGAGVCVL
HNCIYAAGGYDGQDQLNSVERYDVETETWTFVAPMKHRRSALGITVHQGRIYVLGGYDGHTFLDSVECYDPDTDTWSEVT
RMTSGRSGVGVAVT
;
A,B
2 'polypeptide(L)' (ACE)DEETGEF C
#
loop_
_chem_comp.id
_chem_comp.type
_chem_comp.name
_chem_comp.formula
ACE non-polymer 'ACETYL GROUP' 'C2 H4 O'
ACT non-polymer 'ACETATE ION' 'C2 H3 O2 -1'
CL non-polymer 'CHLORIDE ION' 'Cl -1'
EDO non-polymer 1,2-ETHANEDIOL 'C2 H6 O2'
NA non-polymer 'SODIUM ION' 'Na 1'
#
# COMPACT_ATOMS: atom_id res chain seq x y z
N GLY A 130 14.86 -22.84 -31.05
CA GLY A 130 14.68 -21.41 -30.86
C GLY A 130 13.81 -20.95 -29.69
N ARG A 131 14.43 -20.41 -28.63
CA ARG A 131 13.70 -20.18 -27.39
C ARG A 131 13.39 -18.70 -27.14
N LEU A 132 12.41 -18.50 -26.26
CA LEU A 132 11.70 -17.25 -26.04
C LEU A 132 11.75 -16.81 -24.57
N ILE A 133 11.76 -15.51 -24.31
CA ILE A 133 11.56 -14.98 -22.95
C ILE A 133 10.12 -14.51 -22.82
N TYR A 134 9.34 -15.15 -21.97
CA TYR A 134 7.95 -14.77 -21.77
C TYR A 134 7.83 -13.69 -20.68
N THR A 135 6.93 -12.74 -20.86
CA THR A 135 6.58 -11.84 -19.76
C THR A 135 5.06 -11.78 -19.59
N ALA A 136 4.59 -11.93 -18.34
CA ALA A 136 3.18 -12.15 -18.02
C ALA A 136 2.66 -11.12 -17.01
N GLY A 137 1.50 -10.55 -17.30
CA GLY A 137 0.86 -9.67 -16.32
C GLY A 137 1.71 -8.45 -16.08
N GLY A 138 1.72 -8.01 -14.82
CA GLY A 138 2.46 -6.84 -14.43
C GLY A 138 1.54 -5.72 -13.95
N TYR A 139 2.10 -4.52 -13.91
CA TYR A 139 1.34 -3.44 -13.34
C TYR A 139 1.72 -2.13 -14.00
N PHE A 140 0.70 -1.38 -14.43
CA PHE A 140 0.82 0.03 -14.81
C PHE A 140 -0.54 0.67 -14.62
N ARG A 141 -0.70 1.51 -13.58
CA ARG A 141 -2.00 2.09 -13.24
C ARG A 141 -3.04 1.06 -12.76
N GLN A 142 -2.76 -0.24 -12.92
CA GLN A 142 -3.75 -1.31 -12.86
C GLN A 142 -3.04 -2.64 -13.10
N SER A 143 -3.49 -3.74 -12.52
CA SER A 143 -2.89 -5.01 -12.90
C SER A 143 -3.17 -5.30 -14.37
N LEU A 144 -2.20 -5.94 -15.03
CA LEU A 144 -2.17 -6.11 -16.48
C LEU A 144 -2.45 -7.55 -16.88
N SER A 145 -2.89 -7.75 -18.11
CA SER A 145 -3.20 -9.08 -18.61
C SER A 145 -2.15 -9.63 -19.54
N TYR A 146 -1.23 -8.78 -20.01
CA TYR A 146 -0.38 -9.12 -21.14
C TYR A 146 0.35 -10.44 -20.92
N LEU A 147 0.47 -11.19 -22.01
CA LEU A 147 1.48 -12.21 -22.19
C LEU A 147 2.15 -11.84 -23.49
N GLU A 148 3.41 -11.39 -23.42
CA GLU A 148 4.25 -11.14 -24.58
C GLU A 148 5.53 -11.95 -24.42
N ALA A 149 6.25 -12.14 -25.53
CA ALA A 149 7.40 -13.05 -25.62
C ALA A 149 8.46 -12.42 -26.49
N TYR A 150 9.66 -12.24 -25.95
CA TYR A 150 10.74 -11.63 -26.71
C TYR A 150 11.61 -12.72 -27.31
N ASN A 151 12.02 -12.50 -28.55
CA ASN A 151 12.92 -13.42 -29.23
C ASN A 151 14.32 -12.83 -29.18
N PRO A 152 15.21 -13.31 -28.31
CA PRO A 152 16.51 -12.65 -28.19
C PRO A 152 17.36 -12.77 -29.44
N SER A 153 17.08 -13.75 -30.32
CA SER A 153 17.83 -13.88 -31.58
C SER A 153 17.37 -12.83 -32.59
N ASP A 154 16.12 -12.96 -33.08
CA ASP A 154 15.59 -12.05 -34.11
C ASP A 154 15.19 -10.67 -33.55
N GLY A 155 15.17 -10.47 -32.22
CA GLY A 155 14.85 -9.17 -31.63
C GLY A 155 13.40 -8.71 -31.69
N THR A 156 12.44 -9.63 -31.88
CA THR A 156 11.04 -9.33 -32.12
C THR A 156 10.19 -9.64 -30.88
N TRP A 157 9.02 -8.99 -30.78
CA TRP A 157 8.08 -9.24 -29.70
C TRP A 157 6.83 -9.92 -30.23
N LEU A 158 6.31 -10.85 -29.46
CA LEU A 158 5.10 -11.59 -29.79
C LEU A 158 3.97 -11.20 -28.84
N ARG A 159 2.78 -10.97 -29.39
CA ARG A 159 1.62 -10.75 -28.56
C ARG A 159 0.84 -12.08 -28.47
N LEU A 160 0.87 -12.74 -27.31
CA LEU A 160 0.15 -13.99 -27.11
C LEU A 160 -1.10 -13.76 -26.28
N ALA A 161 -1.89 -14.83 -26.12
CA ALA A 161 -3.20 -14.76 -25.46
C ALA A 161 -3.10 -14.07 -24.11
N ASP A 162 -4.02 -13.13 -23.84
CA ASP A 162 -4.11 -12.51 -22.52
C ASP A 162 -4.24 -13.56 -21.43
N LEU A 163 -3.83 -13.19 -20.22
CA LEU A 163 -4.19 -13.93 -19.01
C LEU A 163 -5.68 -13.81 -18.79
N GLN A 164 -6.26 -14.71 -18.00
CA GLN A 164 -7.68 -14.46 -17.75
C GLN A 164 -7.93 -13.48 -16.61
N VAL A 165 -7.26 -13.60 -15.47
CA VAL A 165 -7.34 -12.48 -14.54
C VAL A 165 -6.04 -11.69 -14.57
N PRO A 166 -6.12 -10.36 -14.57
CA PRO A 166 -4.91 -9.52 -14.59
C PRO A 166 -4.13 -9.63 -13.30
N ARG A 167 -2.82 -9.53 -13.38
CA ARG A 167 -2.08 -9.74 -12.15
C ARG A 167 -0.70 -9.08 -12.18
N SER A 168 -0.38 -8.41 -11.06
CA SER A 168 0.93 -7.90 -10.76
C SER A 168 1.47 -8.68 -9.57
N GLY A 169 2.80 -8.73 -9.48
CA GLY A 169 3.45 -9.45 -8.40
C GLY A 169 3.33 -10.96 -8.44
N LEU A 170 2.92 -11.54 -9.56
CA LEU A 170 2.99 -12.97 -9.86
C LEU A 170 4.41 -13.39 -10.20
N ALA A 171 4.66 -14.68 -10.23
CA ALA A 171 5.91 -15.14 -10.82
C ALA A 171 5.62 -16.17 -11.90
N GLY A 172 6.56 -16.27 -12.86
CA GLY A 172 6.46 -17.25 -13.92
C GLY A 172 7.58 -18.27 -13.91
N CYS A 173 7.29 -19.46 -14.43
CA CYS A 173 8.29 -20.47 -14.67
C CYS A 173 7.84 -21.37 -15.83
N VAL A 174 8.83 -22.00 -16.48
CA VAL A 174 8.56 -22.97 -17.53
C VAL A 174 8.94 -24.33 -16.99
N VAL A 175 7.99 -25.25 -16.96
CA VAL A 175 8.33 -26.65 -16.75
C VAL A 175 7.51 -27.51 -17.71
N GLY A 176 8.20 -28.35 -18.47
CA GLY A 176 7.50 -29.23 -19.38
C GLY A 176 7.03 -28.54 -20.64
N GLY A 177 7.80 -27.58 -21.15
CA GLY A 177 7.33 -26.78 -22.26
C GLY A 177 6.01 -26.03 -22.08
N LEU A 178 5.40 -26.10 -20.89
CA LEU A 178 4.33 -25.20 -20.49
C LEU A 178 4.89 -24.06 -19.64
N LEU A 179 4.15 -22.95 -19.64
CA LEU A 179 4.45 -21.74 -18.90
C LEU A 179 3.44 -21.60 -17.76
N TYR A 180 3.91 -21.30 -16.56
CA TYR A 180 3.06 -21.24 -15.37
C TYR A 180 3.06 -19.83 -14.80
N ALA A 181 1.88 -19.31 -14.46
CA ALA A 181 1.78 -18.01 -13.81
C ALA A 181 1.17 -18.20 -12.43
N VAL A 182 1.93 -17.87 -11.38
CA VAL A 182 1.62 -18.24 -10.00
C VAL A 182 1.28 -16.98 -9.22
N GLY A 183 0.10 -16.96 -8.62
CA GLY A 183 -0.28 -15.96 -7.61
C GLY A 183 -0.27 -14.52 -8.14
N GLY A 184 0.02 -13.61 -7.23
CA GLY A 184 0.00 -12.22 -7.56
C GLY A 184 -1.20 -11.50 -6.96
N ARG A 185 -1.53 -10.37 -7.56
CA ARG A 185 -2.60 -9.52 -7.06
C ARG A 185 -3.33 -8.94 -8.26
N ASN A 186 -4.63 -8.67 -8.09
CA ASN A 186 -5.42 -8.02 -9.12
C ASN A 186 -5.89 -6.69 -8.57
N ASN A 187 -5.16 -5.62 -8.88
CA ASN A 187 -5.61 -4.26 -8.59
C ASN A 187 -6.44 -3.78 -9.78
N SER A 188 -7.74 -3.79 -9.62
CA SER A 188 -8.60 -3.24 -10.67
C SER A 188 -9.32 -2.09 -9.99
N PRO A 189 -10.07 -1.26 -10.72
CA PRO A 189 -10.90 -0.25 -10.04
C PRO A 189 -12.15 -0.83 -9.38
N ASP A 190 -12.37 -2.15 -9.50
CA ASP A 190 -13.42 -2.86 -8.79
C ASP A 190 -12.96 -3.42 -7.44
N GLY A 191 -11.67 -3.48 -7.18
CA GLY A 191 -11.17 -3.86 -5.88
C GLY A 191 -9.85 -4.60 -5.97
N ASN A 192 -9.30 -4.88 -4.79
CA ASN A 192 -8.10 -5.68 -4.61
C ASN A 192 -8.47 -7.13 -4.39
N THR A 193 -7.66 -8.04 -4.91
CA THR A 193 -7.72 -9.44 -4.47
C THR A 193 -6.42 -10.10 -4.84
N ASP A 194 -5.66 -10.53 -3.82
CA ASP A 194 -4.52 -11.40 -4.03
C ASP A 194 -4.98 -12.77 -4.57
N SER A 195 -4.12 -13.40 -5.38
CA SER A 195 -4.45 -14.61 -6.15
C SER A 195 -3.75 -15.79 -5.49
N SER A 196 -4.47 -16.90 -5.38
CA SER A 196 -3.82 -18.18 -5.19
C SER A 196 -3.85 -19.02 -6.48
N ALA A 197 -4.11 -18.36 -7.63
CA ALA A 197 -4.26 -19.07 -8.90
C ALA A 197 -2.94 -19.66 -9.37
N LEU A 198 -3.04 -20.80 -10.08
CA LEU A 198 -1.89 -21.32 -10.84
C LEU A 198 -2.37 -21.53 -12.27
N ASP A 199 -1.95 -20.63 -13.15
CA ASP A 199 -2.44 -20.56 -14.51
C ASP A 199 -1.33 -21.04 -15.45
N CYS A 200 -1.75 -21.73 -16.52
CA CYS A 200 -0.88 -22.65 -17.24
C CYS A 200 -1.10 -22.47 -18.74
N TYR A 201 -0.09 -21.95 -19.42
CA TYR A 201 -0.19 -21.59 -20.83
C TYR A 201 0.54 -22.61 -21.69
N ASN A 202 -0.17 -23.21 -22.62
CA ASN A 202 0.41 -24.07 -23.62
C ASN A 202 0.75 -23.22 -24.84
N PRO A 203 2.02 -23.13 -25.24
CA PRO A 203 2.37 -22.25 -26.38
C PRO A 203 2.08 -22.82 -27.76
N MET A 204 1.71 -24.10 -27.89
CA MET A 204 1.32 -24.62 -29.20
C MET A 204 -0.15 -24.36 -29.47
N THR A 205 -0.94 -24.14 -28.43
CA THR A 205 -2.34 -23.82 -28.59
C THR A 205 -2.67 -22.37 -28.29
N ASN A 206 -1.73 -21.58 -27.78
CA ASN A 206 -1.95 -20.19 -27.38
C ASN A 206 -3.07 -20.06 -26.37
N GLN A 207 -3.22 -21.04 -25.49
CA GLN A 207 -4.36 -21.10 -24.58
C GLN A 207 -3.92 -21.18 -23.11
N TRP A 208 -4.52 -20.33 -22.27
CA TRP A 208 -4.39 -20.45 -20.82
C TRP A 208 -5.50 -21.33 -20.26
N SER A 209 -5.14 -22.21 -19.33
CA SER A 209 -6.11 -23.03 -18.62
C SER A 209 -5.82 -22.94 -17.12
N PRO A 210 -6.85 -22.93 -16.28
CA PRO A 210 -6.59 -22.89 -14.84
C PRO A 210 -6.15 -24.27 -14.39
N CYS A 211 -5.03 -24.33 -13.66
CA CYS A 211 -4.61 -25.49 -12.90
C CYS A 211 -4.99 -25.31 -11.42
N ALA A 212 -4.63 -26.30 -10.61
CA ALA A 212 -5.00 -26.33 -9.20
C ALA A 212 -4.44 -25.12 -8.45
N PRO A 213 -5.25 -24.44 -7.64
CA PRO A 213 -4.76 -23.28 -6.90
C PRO A 213 -4.00 -23.68 -5.65
N MET A 214 -3.21 -22.72 -5.15
CA MET A 214 -2.39 -22.98 -3.97
C MET A 214 -3.26 -22.89 -2.74
N SER A 215 -2.65 -23.26 -1.61
CA SER A 215 -3.40 -23.29 -0.36
C SER A 215 -3.89 -21.92 0.07
N VAL A 216 -3.36 -20.86 -0.50
CA VAL A 216 -3.23 -19.57 0.15
C VAL A 216 -2.87 -18.53 -0.91
N PRO A 217 -3.55 -17.38 -1.00
CA PRO A 217 -3.09 -16.33 -1.93
C PRO A 217 -1.67 -15.85 -1.59
N ARG A 218 -0.84 -15.64 -2.62
CA ARG A 218 0.51 -15.09 -2.41
C ARG A 218 0.80 -13.96 -3.40
N ASN A 219 0.69 -12.70 -2.97
CA ASN A 219 1.14 -11.55 -3.75
C ASN A 219 2.62 -11.34 -3.49
N ARG A 220 3.32 -10.67 -4.40
CA ARG A 220 4.79 -10.50 -4.32
C ARG A 220 5.47 -11.83 -4.03
N ILE A 221 5.06 -12.85 -4.78
CA ILE A 221 5.47 -14.24 -4.64
C ILE A 221 6.83 -14.48 -5.28
N GLY A 222 7.50 -15.53 -4.81
CA GLY A 222 8.72 -16.01 -5.41
C GLY A 222 8.55 -17.48 -5.75
N VAL A 223 9.18 -17.90 -6.87
CA VAL A 223 8.99 -19.23 -7.43
C VAL A 223 10.35 -19.76 -7.87
N GLY A 224 10.55 -21.07 -7.70
CA GLY A 224 11.69 -21.76 -8.28
C GLY A 224 11.33 -23.21 -8.52
N VAL A 225 11.87 -23.78 -9.60
CA VAL A 225 11.57 -25.17 -9.98
C VAL A 225 12.79 -26.07 -9.71
N ILE A 226 12.51 -27.24 -9.13
CA ILE A 226 13.50 -28.30 -8.92
C ILE A 226 12.84 -29.58 -9.37
N ASP A 227 13.51 -30.33 -10.25
CA ASP A 227 12.97 -31.62 -10.66
C ASP A 227 11.53 -31.50 -11.14
N GLY A 228 11.25 -30.46 -11.92
CA GLY A 228 9.94 -30.29 -12.48
C GLY A 228 8.83 -30.10 -11.46
N HIS A 229 9.18 -29.66 -10.25
CA HIS A 229 8.21 -29.33 -9.21
C HIS A 229 8.33 -27.85 -8.89
N ILE A 230 7.19 -27.18 -8.72
CA ILE A 230 7.13 -25.73 -8.59
C ILE A 230 7.05 -25.36 -7.12
N TYR A 231 8.03 -24.61 -6.63
CA TYR A 231 8.03 -24.15 -5.26
C TYR A 231 7.50 -22.73 -5.24
N ALA A 232 6.41 -22.51 -4.49
CA ALA A 232 5.83 -21.19 -4.30
C ALA A 232 6.26 -20.70 -2.92
N VAL A 233 7.09 -19.67 -2.89
CA VAL A 233 7.78 -19.25 -1.65
C VAL A 233 7.19 -17.96 -1.15
N GLY A 234 6.62 -17.98 0.05
CA GLY A 234 6.31 -16.76 0.75
C GLY A 234 5.16 -15.99 0.11
N GLY A 235 5.31 -14.66 0.06
CA GLY A 235 4.26 -13.80 -0.45
C GLY A 235 3.28 -13.33 0.62
N SER A 236 2.32 -12.50 0.19
CA SER A 236 1.41 -11.84 1.11
C SER A 236 -0.04 -12.14 0.75
N HIS A 237 -0.92 -12.10 1.74
CA HIS A 237 -2.37 -12.20 1.51
C HIS A 237 -3.02 -11.17 2.43
N GLY A 238 -3.46 -10.06 1.87
CA GLY A 238 -3.88 -8.99 2.74
C GLY A 238 -2.73 -8.49 3.59
N CYS A 239 -2.96 -8.57 4.89
CA CYS A 239 -2.11 -8.17 5.98
C CYS A 239 -1.14 -9.22 6.39
N ILE A 240 -1.38 -10.43 5.93
CA ILE A 240 -0.59 -11.59 6.29
C ILE A 240 0.65 -11.69 5.39
N HIS A 241 1.80 -11.92 6.01
CA HIS A 241 3.04 -12.09 5.29
C HIS A 241 3.51 -13.51 5.51
N HIS A 242 3.37 -14.36 4.48
CA HIS A 242 3.61 -15.79 4.62
C HIS A 242 5.08 -16.12 4.84
N ASN A 243 5.34 -17.16 5.65
CA ASN A 243 6.55 -17.96 5.48
C ASN A 243 6.24 -19.35 4.94
N SER A 244 4.94 -19.68 4.78
CA SER A 244 4.53 -20.94 4.17
C SER A 244 5.24 -21.13 2.86
N VAL A 245 5.58 -22.38 2.53
CA VAL A 245 6.06 -22.72 1.19
C VAL A 245 5.25 -23.91 0.71
N GLU A 246 5.03 -24.00 -0.61
CA GLU A 246 4.36 -25.19 -1.12
C GLU A 246 4.83 -25.54 -2.51
N ARG A 247 4.67 -26.82 -2.83
CA ARG A 247 5.30 -27.46 -3.97
C ARG A 247 4.21 -28.10 -4.81
N TYR A 248 4.08 -27.63 -6.05
CA TYR A 248 3.12 -28.15 -7.00
C TYR A 248 3.74 -29.33 -7.76
N GLU A 249 3.00 -30.45 -7.86
CA GLU A 249 3.41 -31.58 -8.72
C GLU A 249 2.62 -31.53 -10.03
N PRO A 250 3.23 -31.16 -11.17
CA PRO A 250 2.42 -31.03 -12.39
C PRO A 250 1.77 -32.34 -12.83
N GLU A 251 2.35 -33.45 -12.48
CA GLU A 251 1.84 -34.74 -12.83
C GLU A 251 0.52 -35.06 -12.20
N ARG A 252 0.44 -34.91 -10.90
CA ARG A 252 -0.79 -35.18 -10.16
C ARG A 252 -1.73 -33.98 -10.14
N ASP A 253 -1.26 -32.79 -10.56
CA ASP A 253 -1.99 -31.51 -10.45
C ASP A 253 -2.38 -31.21 -9.00
N GLU A 254 -1.38 -31.21 -8.12
CA GLU A 254 -1.58 -31.07 -6.68
C GLU A 254 -0.50 -30.21 -6.06
N TRP A 255 -0.90 -29.52 -4.98
CA TRP A 255 -0.05 -28.65 -4.20
C TRP A 255 0.03 -29.21 -2.79
N HIS A 256 1.23 -29.25 -2.22
CA HIS A 256 1.39 -29.66 -0.83
C HIS A 256 2.39 -28.78 -0.12
N LEU A 257 2.23 -28.61 1.19
CA LEU A 257 3.14 -27.71 1.89
C LEU A 257 4.46 -28.42 2.19
N VAL A 258 5.53 -27.64 2.22
CA VAL A 258 6.76 -28.17 2.78
C VAL A 258 7.14 -27.35 4.01
N ALA A 259 8.30 -27.63 4.56
CA ALA A 259 8.79 -26.93 5.73
C ALA A 259 8.72 -25.41 5.51
N PRO A 260 8.01 -24.68 6.34
CA PRO A 260 7.96 -23.24 6.17
C PRO A 260 9.30 -22.60 6.55
N MET A 261 9.63 -21.50 5.89
CA MET A 261 10.95 -20.89 6.04
C MET A 261 11.11 -20.11 7.35
N LEU A 262 12.36 -19.82 7.68
CA LEU A 262 12.71 -19.18 8.95
C LEU A 262 12.17 -17.76 9.08
N THR A 263 11.89 -17.10 7.95
CA THR A 263 11.51 -15.70 7.95
C THR A 263 10.28 -15.52 7.06
N ARG A 264 9.25 -14.83 7.56
CA ARG A 264 8.22 -14.24 6.72
C ARG A 264 8.85 -13.41 5.60
N ARG A 265 8.50 -13.68 4.34
CA ARG A 265 9.13 -13.00 3.21
C ARG A 265 8.10 -12.76 2.13
N ILE A 266 7.92 -11.49 1.76
CA ILE A 266 7.16 -11.14 0.58
C ILE A 266 8.07 -10.26 -0.24
N GLY A 267 7.90 -10.30 -1.55
CA GLY A 267 8.87 -9.63 -2.39
C GLY A 267 10.20 -10.34 -2.38
N VAL A 268 10.17 -11.63 -2.20
CA VAL A 268 11.37 -12.45 -2.10
C VAL A 268 11.79 -12.87 -3.51
N GLY A 269 13.09 -12.92 -3.73
CA GLY A 269 13.66 -13.52 -4.92
C GLY A 269 14.05 -14.97 -4.65
N VAL A 270 13.70 -15.85 -5.57
CA VAL A 270 14.00 -17.27 -5.42
C VAL A 270 14.91 -17.68 -6.57
N ALA A 271 15.97 -18.40 -6.24
CA ALA A 271 16.89 -19.02 -7.19
C ALA A 271 17.17 -20.46 -6.77
N VAL A 272 17.44 -21.32 -7.76
CA VAL A 272 17.74 -22.73 -7.53
C VAL A 272 19.17 -22.97 -7.95
N LEU A 273 19.99 -23.44 -7.01
CA LEU A 273 21.39 -23.68 -7.28
C LEU A 273 21.80 -24.92 -6.49
N ASN A 274 22.43 -25.88 -7.19
CA ASN A 274 22.90 -27.12 -6.58
C ASN A 274 21.77 -27.90 -5.94
N ARG A 275 20.65 -28.02 -6.67
CA ARG A 275 19.44 -28.68 -6.20
C ARG A 275 19.00 -28.15 -4.84
N LEU A 276 19.28 -26.88 -4.57
CA LEU A 276 18.84 -26.25 -3.33
C LEU A 276 18.04 -25.00 -3.66
N LEU A 277 17.08 -24.70 -2.80
CA LEU A 277 16.19 -23.55 -2.99
C LEU A 277 16.61 -22.38 -2.08
N TYR A 278 16.86 -21.22 -2.69
CA TYR A 278 17.45 -20.06 -2.05
C TYR A 278 16.43 -18.92 -2.04
N ALA A 279 16.06 -18.42 -0.84
CA ALA A 279 15.11 -17.31 -0.73
C ALA A 279 15.88 -16.07 -0.29
N VAL A 280 15.98 -15.10 -1.18
CA VAL A 280 16.84 -13.95 -0.99
C VAL A 280 15.99 -12.74 -0.66
N GLY A 281 16.37 -12.01 0.41
CA GLY A 281 15.78 -10.74 0.80
C GLY A 281 14.27 -10.78 0.99
N GLY A 282 13.63 -9.66 0.64
CA GLY A 282 12.20 -9.50 0.76
C GLY A 282 11.81 -8.50 1.83
N PHE A 283 10.56 -8.63 2.27
CA PHE A 283 9.93 -7.81 3.28
C PHE A 283 9.15 -8.77 4.16
N ASP A 284 9.26 -8.61 5.49
CA ASP A 284 8.65 -9.53 6.45
C ASP A 284 7.41 -8.97 7.13
N GLY A 285 6.82 -7.88 6.63
CA GLY A 285 5.74 -7.18 7.33
C GLY A 285 6.18 -6.10 8.32
N THR A 286 7.46 -6.08 8.69
CA THR A 286 7.94 -4.95 9.47
C THR A 286 9.16 -4.27 8.86
N ASN A 287 10.15 -5.02 8.38
CA ASN A 287 11.36 -4.47 7.76
C ASN A 287 11.60 -5.11 6.41
N ARG A 288 12.36 -4.48 5.56
CA ARG A 288 12.81 -5.10 4.36
C ARG A 288 14.04 -5.89 4.77
N LEU A 289 14.44 -6.83 3.96
CA LEU A 289 15.42 -7.77 4.44
C LEU A 289 16.62 -7.83 3.52
N ASN A 290 17.77 -8.18 4.11
CA ASN A 290 18.95 -8.63 3.39
C ASN A 290 19.33 -10.07 3.73
N SER A 291 18.71 -10.67 4.74
CA SER A 291 18.93 -12.08 5.02
C SER A 291 18.51 -12.93 3.82
N ALA A 292 19.26 -14.01 3.62
CA ALA A 292 18.87 -15.05 2.68
C ALA A 292 18.83 -16.38 3.40
N GLU A 293 18.04 -17.31 2.90
CA GLU A 293 18.04 -18.63 3.50
C GLU A 293 17.83 -19.67 2.42
N CYS A 294 18.06 -20.92 2.79
CA CYS A 294 18.32 -21.98 1.84
C CYS A 294 17.54 -23.23 2.23
N TYR A 295 16.75 -23.76 1.30
CA TYR A 295 15.95 -24.95 1.55
C TYR A 295 16.65 -26.21 1.04
N TYR A 296 16.63 -27.26 1.86
CA TYR A 296 17.22 -28.56 1.53
C TYR A 296 16.09 -29.54 1.28
N PRO A 297 15.79 -29.90 0.02
CA PRO A 297 14.56 -30.65 -0.20
C PRO A 297 14.64 -32.07 0.31
N GLU A 298 15.78 -32.74 0.13
CA GLU A 298 15.90 -34.08 0.70
C GLU A 298 15.59 -34.06 2.18
N ARG A 299 16.19 -33.12 2.91
CA ARG A 299 16.08 -32.98 4.35
C ARG A 299 14.81 -32.27 4.84
N ASN A 300 14.09 -31.55 3.96
CA ASN A 300 12.95 -30.69 4.32
C ASN A 300 13.24 -29.71 5.46
N GLU A 301 14.27 -28.87 5.28
CA GLU A 301 14.54 -27.88 6.30
C GLU A 301 15.26 -26.70 5.71
N TRP A 302 15.11 -25.56 6.39
CA TRP A 302 15.73 -24.30 5.98
C TRP A 302 16.85 -23.91 6.94
N ARG A 303 17.97 -23.48 6.39
CA ARG A 303 19.15 -23.02 7.12
C ARG A 303 19.46 -21.64 6.57
N MET A 304 20.03 -20.75 7.38
CA MET A 304 20.31 -19.39 6.90
C MET A 304 21.70 -19.30 6.31
N ILE A 305 21.87 -18.37 5.39
CA ILE A 305 23.14 -18.17 4.71
C ILE A 305 23.60 -16.73 4.94
N THR A 306 24.83 -16.47 4.49
CA THR A 306 25.41 -15.14 4.59
C THR A 306 24.44 -14.13 4.02
N ALA A 307 24.20 -13.04 4.76
CA ALA A 307 23.26 -12.06 4.28
C ALA A 307 23.91 -11.15 3.24
N MET A 308 23.05 -10.54 2.42
CA MET A 308 23.47 -9.63 1.35
C MET A 308 24.03 -8.36 1.96
N ASN A 309 24.73 -7.58 1.13
CA ASN A 309 25.22 -6.27 1.56
C ASN A 309 24.11 -5.23 1.61
N THR A 310 23.18 -5.27 0.65
CA THR A 310 22.06 -4.36 0.61
C THR A 310 20.78 -5.05 1.05
N ILE A 311 19.86 -4.31 1.66
CA ILE A 311 18.53 -4.89 1.88
C ILE A 311 17.67 -4.53 0.68
N ARG A 312 16.98 -5.54 0.17
CA ARG A 312 16.25 -5.49 -1.09
C ARG A 312 14.97 -6.27 -0.91
N SER A 313 13.86 -5.59 -1.12
CA SER A 313 12.57 -6.22 -1.37
C SER A 313 12.30 -6.00 -2.85
N GLY A 314 11.57 -6.93 -3.44
CA GLY A 314 11.32 -6.91 -4.88
C GLY A 314 12.55 -6.73 -5.76
N ALA A 315 13.63 -7.47 -5.52
CA ALA A 315 14.71 -7.51 -6.48
C ALA A 315 14.46 -8.62 -7.49
N GLY A 316 15.30 -8.64 -8.53
CA GLY A 316 15.36 -9.76 -9.44
C GLY A 316 16.49 -10.67 -9.06
N VAL A 317 16.17 -11.93 -8.71
CA VAL A 317 17.15 -12.92 -8.29
C VAL A 317 17.15 -14.12 -9.25
N CYS A 318 18.34 -14.52 -9.72
CA CYS A 318 18.53 -15.59 -10.68
C CYS A 318 19.88 -16.29 -10.44
N VAL A 319 20.09 -17.42 -11.15
CA VAL A 319 21.36 -18.13 -11.11
C VAL A 319 22.09 -18.00 -12.45
N LEU A 320 23.38 -17.65 -12.39
CA LEU A 320 24.24 -17.57 -13.58
C LEU A 320 25.64 -18.07 -13.25
N HIS A 321 26.06 -19.11 -13.96
CA HIS A 321 27.28 -19.84 -13.67
C HIS A 321 27.14 -20.52 -12.31
N ASN A 322 27.91 -20.19 -11.30
CA ASN A 322 27.58 -20.85 -10.02
C ASN A 322 27.28 -19.81 -8.99
N CYS A 323 26.54 -18.81 -9.45
CA CYS A 323 26.33 -17.59 -8.71
C CYS A 323 24.84 -17.27 -8.64
N ILE A 324 24.45 -16.82 -7.47
CA ILE A 324 23.12 -16.30 -7.21
C ILE A 324 23.25 -14.80 -7.32
N TYR A 325 22.51 -14.19 -8.26
CA TYR A 325 22.58 -12.75 -8.48
C TYR A 325 21.37 -12.06 -7.86
N ALA A 326 21.58 -10.88 -7.28
CA ALA A 326 20.43 -10.06 -6.86
C ALA A 326 20.58 -8.66 -7.41
N ALA A 327 19.63 -8.26 -8.26
CA ALA A 327 19.69 -6.98 -8.96
C ALA A 327 18.47 -6.15 -8.60
N GLY A 328 18.70 -4.93 -8.13
CA GLY A 328 17.60 -4.02 -7.95
C GLY A 328 16.86 -4.22 -6.64
N GLY A 329 15.69 -3.59 -6.55
CA GLY A 329 14.83 -3.74 -5.40
C GLY A 329 14.50 -2.40 -4.82
N TYR A 330 14.06 -2.43 -3.55
CA TYR A 330 13.46 -1.35 -2.77
C TYR A 330 13.87 -1.62 -1.34
N ASP A 331 14.46 -0.62 -0.65
CA ASP A 331 14.75 -0.79 0.79
C ASP A 331 13.86 0.06 1.67
N GLY A 332 12.53 0.00 1.45
CA GLY A 332 11.53 0.85 2.11
C GLY A 332 11.60 2.35 1.81
N GLN A 333 12.67 2.75 1.08
CA GLN A 333 13.12 4.13 0.89
C GLN A 333 13.33 4.51 -0.58
N ASP A 334 14.47 4.09 -1.17
CA ASP A 334 14.77 4.30 -2.59
C ASP A 334 14.64 3.01 -3.41
N GLN A 335 14.74 3.19 -4.71
CA GLN A 335 14.88 2.08 -5.63
C GLN A 335 16.37 1.88 -5.83
N LEU A 336 16.75 0.71 -6.33
CA LEU A 336 18.13 0.29 -6.39
C LEU A 336 18.65 0.01 -7.80
N ASN A 337 19.91 0.32 -8.04
CA ASN A 337 20.51 -0.09 -9.29
C ASN A 337 21.72 -0.98 -9.09
N SER A 338 22.07 -1.30 -7.83
CA SER A 338 23.18 -2.18 -7.47
C SER A 338 22.86 -3.66 -7.68
N VAL A 339 23.91 -4.44 -7.86
CA VAL A 339 23.79 -5.85 -8.21
C VAL A 339 24.89 -6.58 -7.46
N GLU A 340 24.54 -7.61 -6.69
CA GLU A 340 25.55 -8.44 -6.03
C GLU A 340 25.33 -9.90 -6.41
N ARG A 341 26.40 -10.68 -6.32
CA ARG A 341 26.26 -12.11 -6.56
C ARG A 341 26.83 -12.89 -5.38
N TYR A 342 26.24 -14.06 -5.17
CA TYR A 342 26.64 -15.00 -4.13
C TYR A 342 27.44 -16.16 -4.74
N ASP A 343 28.32 -16.73 -3.92
CA ASP A 343 29.35 -17.66 -4.37
C ASP A 343 29.47 -18.75 -3.30
N VAL A 344 28.91 -19.93 -3.54
CA VAL A 344 28.74 -20.86 -2.42
C VAL A 344 30.08 -21.35 -1.88
N GLU A 345 31.12 -21.36 -2.72
CA GLU A 345 32.45 -21.76 -2.25
C GLU A 345 33.01 -20.67 -1.35
N THR A 346 33.11 -19.45 -1.88
CA THR A 346 33.47 -18.23 -1.15
C THR A 346 32.53 -17.89 0.02
N GLU A 347 31.27 -18.36 -0.02
CA GLU A 347 30.18 -17.98 0.88
C GLU A 347 30.10 -16.47 1.14
N THR A 348 30.51 -15.65 0.16
CA THR A 348 30.34 -14.20 0.25
C THR A 348 29.57 -13.62 -0.94
N TRP A 349 29.08 -12.40 -0.72
CA TRP A 349 28.20 -11.66 -1.61
C TRP A 349 28.96 -10.46 -2.20
N THR A 350 29.73 -10.66 -3.27
CA THR A 350 30.48 -9.53 -3.82
C THR A 350 29.63 -8.69 -4.81
N PHE A 351 29.91 -7.40 -4.87
CA PHE A 351 29.23 -6.51 -5.81
C PHE A 351 29.80 -6.62 -7.21
N VAL A 352 28.96 -6.35 -8.22
CA VAL A 352 29.36 -6.26 -9.62
C VAL A 352 28.76 -5.00 -10.23
N ALA A 353 28.94 -4.83 -11.55
CA ALA A 353 28.55 -3.59 -12.22
C ALA A 353 27.08 -3.27 -12.01
N PRO A 354 26.74 -2.02 -11.77
CA PRO A 354 25.33 -1.66 -11.56
C PRO A 354 24.55 -1.53 -12.87
N MET A 355 23.23 -1.58 -12.75
CA MET A 355 22.40 -1.34 -13.92
C MET A 355 22.35 0.14 -14.26
N LYS A 356 22.09 0.43 -15.55
CA LYS A 356 21.80 1.80 -15.93
C LYS A 356 20.62 2.33 -15.09
N HIS A 357 19.51 1.57 -15.02
CA HIS A 357 18.26 2.05 -14.40
C HIS A 357 18.00 1.44 -13.02
N ARG A 358 17.55 2.26 -12.06
CA ARG A 358 17.05 1.74 -10.78
C ARG A 358 15.69 1.03 -10.98
N ARG A 359 15.60 -0.23 -10.55
CA ARG A 359 14.41 -1.04 -10.83
C ARG A 359 14.05 -1.76 -9.56
N SER A 360 12.83 -1.56 -9.10
CA SER A 360 12.19 -2.39 -8.11
C SER A 360 11.03 -3.09 -8.80
N ALA A 361 10.68 -4.30 -8.36
CA ALA A 361 9.64 -5.10 -9.00
C ALA A 361 9.93 -5.26 -10.48
N LEU A 362 11.20 -5.51 -10.77
CA LEU A 362 11.69 -5.93 -12.09
C LEU A 362 11.48 -7.44 -12.31
N GLY A 363 11.38 -7.82 -13.59
CA GLY A 363 11.33 -9.23 -13.99
C GLY A 363 12.71 -9.67 -14.46
N ILE A 364 13.14 -10.87 -14.02
CA ILE A 364 14.49 -11.34 -14.35
C ILE A 364 14.46 -12.76 -14.90
N THR A 365 15.42 -13.03 -15.79
CA THR A 365 15.69 -14.39 -16.28
C THR A 365 17.05 -14.46 -16.97
N VAL A 366 17.52 -15.69 -17.16
CA VAL A 366 18.80 -15.97 -17.82
C VAL A 366 18.54 -16.63 -19.17
N HIS A 367 19.34 -16.27 -20.17
CA HIS A 367 19.26 -16.90 -21.48
C HIS A 367 20.63 -16.80 -22.12
N GLN A 368 21.12 -17.92 -22.65
CA GLN A 368 22.41 -18.02 -23.35
C GLN A 368 23.47 -17.16 -22.67
N GLY A 369 23.69 -17.44 -21.37
CA GLY A 369 24.84 -16.94 -20.63
C GLY A 369 24.84 -15.46 -20.31
N ARG A 370 23.66 -14.83 -20.27
CA ARG A 370 23.51 -13.44 -19.86
C ARG A 370 22.21 -13.28 -19.06
N ILE A 371 22.18 -12.29 -18.13
CA ILE A 371 20.99 -11.95 -17.35
C ILE A 371 20.20 -10.85 -18.04
N TYR A 372 18.89 -11.04 -18.07
CA TYR A 372 17.94 -10.10 -18.69
C TYR A 372 17.01 -9.56 -17.61
N VAL A 373 16.99 -8.24 -17.41
CA VAL A 373 16.05 -7.61 -16.47
C VAL A 373 15.06 -6.82 -17.29
N LEU A 374 13.79 -6.86 -16.89
CA LEU A 374 12.69 -6.34 -17.70
C LEU A 374 11.79 -5.45 -16.85
N GLY A 375 11.72 -4.18 -17.21
CA GLY A 375 10.86 -3.20 -16.60
C GLY A 375 11.17 -3.01 -15.13
N GLY A 376 10.13 -2.68 -14.38
CA GLY A 376 10.25 -2.27 -13.00
C GLY A 376 9.82 -0.83 -12.79
N TYR A 377 9.79 -0.45 -11.53
CA TYR A 377 9.52 0.93 -11.12
C TYR A 377 10.85 1.55 -10.70
N ASP A 378 11.15 2.76 -11.22
CA ASP A 378 12.38 3.48 -10.82
C ASP A 378 12.13 4.57 -9.78
N GLY A 379 10.97 4.61 -9.16
CA GLY A 379 10.64 5.66 -8.24
C GLY A 379 9.82 6.76 -8.88
N HIS A 380 9.85 6.85 -10.20
CA HIS A 380 9.20 7.94 -10.90
C HIS A 380 8.30 7.41 -12.01
N THR A 381 8.81 6.58 -12.89
CA THR A 381 8.01 6.02 -13.96
C THR A 381 8.09 4.48 -13.98
N PHE A 382 7.21 3.84 -14.74
CA PHE A 382 7.26 2.38 -14.88
C PHE A 382 8.05 2.07 -16.14
N LEU A 383 9.25 1.51 -15.94
CA LEU A 383 10.22 1.32 -17.01
C LEU A 383 9.74 0.31 -18.06
N ASP A 384 9.89 0.66 -19.33
CA ASP A 384 9.84 -0.36 -20.39
C ASP A 384 11.24 -0.85 -20.77
N SER A 385 12.29 -0.28 -20.20
CA SER A 385 13.67 -0.64 -20.54
C SER A 385 13.92 -2.13 -20.32
N VAL A 386 14.70 -2.80 -21.19
CA VAL A 386 15.18 -4.15 -20.92
C VAL A 386 16.69 -4.14 -21.01
N GLU A 387 17.38 -4.49 -19.92
CA GLU A 387 18.84 -4.51 -19.85
C GLU A 387 19.36 -5.94 -19.79
N CYS A 388 20.59 -6.11 -20.25
CA CYS A 388 21.23 -7.41 -20.43
C CYS A 388 22.63 -7.33 -19.87
N TYR A 389 22.92 -8.19 -18.88
CA TYR A 389 24.20 -8.23 -18.20
C TYR A 389 25.08 -9.29 -18.82
N ASP A 390 26.31 -8.93 -19.20
CA ASP A 390 27.22 -9.93 -19.76
C ASP A 390 28.29 -10.21 -18.73
N PRO A 391 28.35 -11.43 -18.21
CA PRO A 391 29.28 -11.72 -17.11
C PRO A 391 30.73 -11.73 -17.53
N ASP A 392 31.01 -11.97 -18.84
CA ASP A 392 32.38 -11.94 -19.38
C ASP A 392 33.02 -10.56 -19.24
N THR A 393 32.23 -9.52 -19.45
CA THR A 393 32.74 -8.17 -19.48
C THR A 393 32.25 -7.31 -18.30
N ASP A 394 31.46 -7.88 -17.40
CA ASP A 394 30.86 -7.13 -16.29
C ASP A 394 30.29 -5.79 -16.75
N THR A 395 29.41 -5.84 -17.75
CA THR A 395 28.73 -4.65 -18.26
C THR A 395 27.26 -4.97 -18.51
N TRP A 396 26.43 -3.92 -18.47
CA TRP A 396 25.05 -3.97 -18.92
C TRP A 396 24.88 -3.18 -20.21
N SER A 397 23.90 -3.59 -20.99
CA SER A 397 23.56 -2.84 -22.19
C SER A 397 22.06 -2.97 -22.39
N GLU A 398 21.47 -1.93 -22.94
CA GLU A 398 20.07 -1.93 -23.33
C GLU A 398 19.87 -2.76 -24.60
N VAL A 399 19.09 -3.84 -24.52
CA VAL A 399 18.57 -4.53 -25.70
C VAL A 399 17.18 -3.94 -25.91
N THR A 400 16.31 -4.55 -26.73
CA THR A 400 15.02 -3.89 -27.00
C THR A 400 14.21 -3.60 -25.72
N ARG A 401 13.50 -2.45 -25.71
CA ARG A 401 12.46 -2.08 -24.73
C ARG A 401 11.16 -2.90 -24.91
N MET A 402 10.36 -2.99 -23.84
CA MET A 402 9.05 -3.65 -23.94
C MET A 402 8.04 -2.72 -24.59
N THR A 403 6.87 -3.28 -24.95
CA THR A 403 5.95 -2.52 -25.77
C THR A 403 5.36 -1.37 -24.97
N SER A 404 5.06 -1.62 -23.70
CA SER A 404 4.57 -0.63 -22.74
C SER A 404 5.34 -0.84 -21.45
N GLY A 405 5.69 0.26 -20.77
CA GLY A 405 6.32 0.12 -19.46
C GLY A 405 5.42 -0.57 -18.44
N ARG A 406 6.03 -1.34 -17.53
CA ARG A 406 5.31 -2.04 -16.48
C ARG A 406 6.30 -2.50 -15.44
N SER A 407 5.77 -2.92 -14.28
CA SER A 407 6.54 -3.45 -13.16
C SER A 407 5.81 -4.67 -12.55
N GLY A 408 6.51 -5.43 -11.72
CA GLY A 408 5.86 -6.59 -11.14
C GLY A 408 5.36 -7.62 -12.14
N VAL A 409 6.17 -7.93 -13.14
CA VAL A 409 5.87 -8.96 -14.14
C VAL A 409 6.42 -10.30 -13.68
N GLY A 410 5.90 -11.38 -14.28
CA GLY A 410 6.50 -12.71 -14.16
C GLY A 410 7.28 -13.04 -15.43
N VAL A 411 8.46 -13.63 -15.26
CA VAL A 411 9.33 -13.87 -16.41
C VAL A 411 9.85 -15.32 -16.42
N ALA A 412 9.81 -15.97 -17.59
CA ALA A 412 10.38 -17.31 -17.75
C ALA A 412 11.07 -17.42 -19.12
N VAL A 413 11.96 -18.41 -19.27
CA VAL A 413 12.53 -18.78 -20.58
C VAL A 413 12.07 -20.17 -20.96
N THR A 414 11.64 -20.31 -22.22
CA THR A 414 11.13 -21.56 -22.75
C THR A 414 12.30 -22.63 -22.85
N GLY B 130 -6.84 36.59 8.85
CA GLY B 130 -7.30 35.66 7.82
C GLY B 130 -6.87 34.20 7.97
N ARG B 131 -7.85 33.30 8.05
CA ARG B 131 -7.60 31.89 8.37
C ARG B 131 -7.58 31.07 7.08
N LEU B 132 -6.74 30.03 7.05
CA LEU B 132 -6.52 29.16 5.88
C LEU B 132 -7.04 27.75 6.14
N ILE B 133 -7.45 27.05 5.08
CA ILE B 133 -7.83 25.65 5.17
C ILE B 133 -6.66 24.85 4.63
N TYR B 134 -5.84 24.25 5.51
CA TYR B 134 -4.74 23.38 5.08
C TYR B 134 -5.22 21.96 4.72
N THR B 135 -4.71 21.38 3.61
CA THR B 135 -4.82 19.96 3.32
C THR B 135 -3.44 19.34 3.16
N ALA B 136 -3.19 18.24 3.87
CA ALA B 136 -1.88 17.59 3.88
C ALA B 136 -1.97 16.13 3.47
N GLY B 137 -1.07 15.72 2.57
CA GLY B 137 -1.02 14.34 2.15
C GLY B 137 -2.22 14.00 1.29
N GLY B 138 -2.61 12.73 1.36
CA GLY B 138 -3.67 12.17 0.55
C GLY B 138 -3.18 11.01 -0.31
N TYR B 139 -3.95 10.59 -1.31
CA TYR B 139 -3.56 9.44 -2.13
C TYR B 139 -4.22 9.57 -3.48
N PHE B 140 -3.43 9.53 -4.53
CA PHE B 140 -3.96 9.34 -5.88
C PHE B 140 -2.89 8.61 -6.67
N ARG B 141 -3.19 7.36 -7.04
CA ARG B 141 -2.23 6.40 -7.57
C ARG B 141 -1.20 5.98 -6.51
N GLN B 142 -0.68 6.91 -5.70
CA GLN B 142 0.09 6.52 -4.52
C GLN B 142 -0.13 7.54 -3.40
N SER B 143 0.36 7.23 -2.19
CA SER B 143 0.32 8.22 -1.12
C SER B 143 1.13 9.46 -1.49
N LEU B 144 0.65 10.64 -1.06
CA LEU B 144 1.19 11.92 -1.55
C LEU B 144 1.76 12.79 -0.43
N SER B 145 2.62 13.73 -0.83
CA SER B 145 3.38 14.58 0.08
C SER B 145 2.91 16.03 0.14
N TYR B 146 1.89 16.41 -0.65
CA TYR B 146 1.43 17.79 -0.73
C TYR B 146 0.96 18.35 0.61
N LEU B 147 1.33 19.60 0.88
CA LEU B 147 0.67 20.48 1.82
C LEU B 147 0.20 21.68 1.02
N GLU B 148 -1.12 21.86 0.86
CA GLU B 148 -1.68 23.03 0.18
C GLU B 148 -2.70 23.70 1.10
N ALA B 149 -2.81 25.05 1.03
CA ALA B 149 -3.84 25.78 1.79
C ALA B 149 -4.77 26.55 0.86
N TYR B 150 -6.06 26.55 1.18
CA TYR B 150 -7.08 27.33 0.49
C TYR B 150 -7.54 28.47 1.38
N ASN B 151 -7.62 29.68 0.79
CA ASN B 151 -8.10 30.90 1.42
C ASN B 151 -9.55 31.07 1.06
N PRO B 152 -10.52 30.76 1.95
CA PRO B 152 -11.91 30.68 1.50
C PRO B 152 -12.49 32.04 1.15
N SER B 153 -11.94 33.12 1.70
CA SER B 153 -12.43 34.45 1.33
C SER B 153 -11.94 34.85 -0.06
N ASP B 154 -10.62 34.73 -0.35
CA ASP B 154 -10.13 35.18 -1.65
C ASP B 154 -10.01 34.07 -2.72
N GLY B 155 -10.30 32.80 -2.39
CA GLY B 155 -10.45 31.72 -3.36
C GLY B 155 -9.16 31.16 -3.96
N THR B 156 -8.01 31.47 -3.37
CA THR B 156 -6.73 31.05 -3.92
C THR B 156 -6.14 29.87 -3.15
N TRP B 157 -5.36 29.06 -3.88
CA TRP B 157 -4.61 27.94 -3.33
C TRP B 157 -3.12 28.26 -3.26
N LEU B 158 -2.53 28.04 -2.10
CA LEU B 158 -1.10 28.12 -1.89
C LEU B 158 -0.48 26.74 -1.90
N ARG B 159 0.65 26.58 -2.58
CA ARG B 159 1.43 25.36 -2.48
C ARG B 159 2.53 25.55 -1.44
N LEU B 160 2.50 24.79 -0.35
CA LEU B 160 3.50 24.94 0.70
C LEU B 160 4.50 23.77 0.68
N ALA B 161 5.49 23.84 1.58
CA ALA B 161 6.50 22.79 1.73
C ALA B 161 5.87 21.40 1.78
N ASP B 162 6.44 20.46 1.01
CA ASP B 162 6.01 19.06 1.01
C ASP B 162 6.28 18.42 2.37
N LEU B 163 5.48 17.41 2.68
CA LEU B 163 5.78 16.49 3.77
C LEU B 163 7.06 15.70 3.43
N GLN B 164 7.87 15.40 4.45
CA GLN B 164 9.07 14.59 4.19
C GLN B 164 8.67 13.17 3.79
N VAL B 165 7.68 12.60 4.46
CA VAL B 165 7.21 11.26 4.14
C VAL B 165 5.74 11.35 3.72
N PRO B 166 5.38 10.86 2.54
CA PRO B 166 3.97 10.95 2.11
C PRO B 166 3.09 10.02 2.92
N ARG B 167 1.84 10.43 3.12
CA ARG B 167 0.89 9.56 3.79
C ARG B 167 -0.50 9.83 3.29
N SER B 168 -1.34 8.80 3.37
CA SER B 168 -2.78 8.97 3.24
C SER B 168 -3.46 8.35 4.45
N GLY B 169 -4.70 8.75 4.67
CA GLY B 169 -5.35 8.39 5.92
C GLY B 169 -4.61 8.90 7.12
N LEU B 170 -3.87 9.99 6.97
CA LEU B 170 -3.34 10.72 8.10
C LEU B 170 -4.42 11.67 8.62
N ALA B 171 -4.18 12.25 9.79
CA ALA B 171 -5.11 13.22 10.36
C ALA B 171 -4.41 14.53 10.66
N GLY B 172 -5.12 15.64 10.46
CA GLY B 172 -4.56 16.98 10.67
C GLY B 172 -5.27 17.71 11.79
N CYS B 173 -4.53 18.60 12.45
CA CYS B 173 -5.12 19.50 13.45
C CYS B 173 -4.18 20.68 13.67
N VAL B 174 -4.68 21.70 14.35
CA VAL B 174 -3.88 22.89 14.63
C VAL B 174 -3.92 23.18 16.12
N VAL B 175 -2.76 23.34 16.75
CA VAL B 175 -2.67 23.61 18.18
C VAL B 175 -1.61 24.66 18.41
N GLY B 176 -2.02 25.83 18.93
CA GLY B 176 -1.10 26.94 19.09
C GLY B 176 -0.30 27.37 17.87
N GLY B 177 -0.95 27.57 16.70
CA GLY B 177 -0.27 28.12 15.56
C GLY B 177 0.46 27.10 14.69
N LEU B 178 1.00 26.03 15.26
CA LEU B 178 1.55 24.96 14.45
C LEU B 178 0.44 24.06 13.89
N LEU B 179 0.67 23.53 12.69
CA LEU B 179 -0.16 22.50 12.08
C LEU B 179 0.52 21.14 12.23
N TYR B 180 -0.22 20.13 12.64
CA TYR B 180 0.32 18.79 12.90
C TYR B 180 -0.28 17.75 11.94
N ALA B 181 0.59 16.92 11.36
CA ALA B 181 0.18 15.78 10.55
C ALA B 181 0.43 14.51 11.36
N VAL B 182 -0.61 13.70 11.50
CA VAL B 182 -0.58 12.62 12.47
C VAL B 182 -0.82 11.30 11.76
N GLY B 183 0.10 10.35 11.98
CA GLY B 183 -0.17 8.96 11.55
C GLY B 183 -0.22 8.80 10.03
N GLY B 184 -1.18 7.98 9.58
CA GLY B 184 -1.32 7.64 8.16
C GLY B 184 -0.52 6.42 7.76
N ARG B 185 -0.50 6.17 6.44
CA ARG B 185 0.26 5.09 5.84
C ARG B 185 0.89 5.55 4.54
N ASN B 186 2.11 5.06 4.22
CA ASN B 186 2.77 5.40 2.96
C ASN B 186 2.58 4.27 1.98
N ASN B 187 1.56 4.40 1.13
CA ASN B 187 1.27 3.44 0.06
C ASN B 187 2.07 3.86 -1.16
N SER B 188 3.23 3.17 -1.42
CA SER B 188 4.02 3.30 -2.64
C SER B 188 3.76 2.11 -3.56
N PRO B 189 4.02 2.24 -4.86
CA PRO B 189 3.76 1.11 -5.78
C PRO B 189 4.50 -0.15 -5.40
N ASP B 190 5.61 -0.02 -4.68
CA ASP B 190 6.45 -1.15 -4.29
C ASP B 190 6.44 -1.44 -2.78
N GLY B 191 5.59 -0.78 -2.00
CA GLY B 191 5.44 -1.17 -0.61
C GLY B 191 4.63 -0.20 0.20
N ASN B 192 3.91 -0.72 1.19
CA ASN B 192 3.22 0.09 2.18
C ASN B 192 3.99 0.07 3.47
N THR B 193 3.95 1.18 4.22
CA THR B 193 4.38 1.21 5.63
C THR B 193 3.50 2.18 6.45
N ASP B 194 2.97 1.69 7.56
CA ASP B 194 2.15 2.53 8.40
C ASP B 194 3.03 3.56 9.13
N SER B 195 2.46 4.77 9.37
CA SER B 195 3.20 5.81 10.06
C SER B 195 2.79 5.85 11.50
N SER B 196 3.77 6.02 12.37
CA SER B 196 3.53 6.39 13.75
C SER B 196 3.88 7.85 13.99
N ALA B 197 4.17 8.59 12.91
CA ALA B 197 4.88 9.86 13.01
C ALA B 197 3.95 10.98 13.38
N LEU B 198 4.47 11.92 14.15
CA LEU B 198 3.83 13.22 14.33
C LEU B 198 4.69 14.28 13.66
N ASP B 199 4.15 14.97 12.68
CA ASP B 199 4.93 15.95 11.93
C ASP B 199 4.36 17.35 12.14
N CYS B 200 5.25 18.32 12.23
CA CYS B 200 4.89 19.62 12.78
C CYS B 200 5.28 20.72 11.81
N TYR B 201 4.27 21.41 11.24
CA TYR B 201 4.47 22.44 10.24
C TYR B 201 4.24 23.82 10.83
N ASN B 202 5.19 24.71 10.59
CA ASN B 202 5.19 26.06 11.12
C ASN B 202 4.91 27.01 9.98
N PRO B 203 3.74 27.65 9.91
CA PRO B 203 3.42 28.41 8.70
C PRO B 203 4.31 29.56 8.47
N MET B 204 4.96 30.06 9.53
CA MET B 204 5.80 31.25 9.39
C MET B 204 7.16 30.92 8.84
N THR B 205 7.64 29.70 9.09
CA THR B 205 8.89 29.24 8.50
C THR B 205 8.69 28.43 7.21
N ASN B 206 7.47 28.05 6.88
CA ASN B 206 7.20 27.11 5.79
C ASN B 206 8.05 25.87 5.95
N GLN B 207 8.19 25.41 7.18
CA GLN B 207 9.01 24.24 7.48
C GLN B 207 8.24 23.16 8.25
N TRP B 208 8.32 21.93 7.76
CA TRP B 208 7.98 20.78 8.57
C TRP B 208 9.16 20.37 9.43
N SER B 209 8.88 19.71 10.54
CA SER B 209 9.94 19.05 11.28
C SER B 209 9.29 18.04 12.18
N PRO B 210 10.00 16.97 12.58
CA PRO B 210 9.33 15.88 13.28
C PRO B 210 9.22 16.16 14.76
N CYS B 211 8.18 15.60 15.35
CA CYS B 211 7.91 15.59 16.78
C CYS B 211 7.88 14.13 17.26
N ALA B 212 7.97 13.97 18.59
CA ALA B 212 7.96 12.64 19.17
C ALA B 212 6.84 11.79 18.56
N PRO B 213 7.12 10.55 18.14
CA PRO B 213 6.09 9.72 17.50
C PRO B 213 5.23 8.97 18.50
N MET B 214 4.08 8.51 18.01
CA MET B 214 3.19 7.80 18.91
C MET B 214 3.69 6.37 19.18
N SER B 215 3.04 5.76 20.17
CA SER B 215 3.39 4.42 20.61
C SER B 215 3.24 3.37 19.50
N VAL B 216 2.36 3.57 18.54
CA VAL B 216 2.15 2.58 17.49
C VAL B 216 1.84 3.31 16.19
N PRO B 217 1.93 2.62 15.07
CA PRO B 217 1.44 3.22 13.82
C PRO B 217 -0.07 3.18 13.76
N ARG B 218 -0.63 4.21 13.09
CA ARG B 218 -2.10 4.38 13.02
C ARG B 218 -2.50 4.85 11.63
N ASN B 219 -2.97 3.93 10.82
CA ASN B 219 -3.50 4.30 9.52
C ASN B 219 -5.00 4.49 9.66
N ARG B 220 -5.58 5.40 8.87
CA ARG B 220 -7.01 5.72 8.97
C ARG B 220 -7.39 6.11 10.40
N ILE B 221 -6.43 6.81 11.04
CA ILE B 221 -6.57 7.47 12.34
C ILE B 221 -7.65 8.56 12.33
N GLY B 222 -8.16 8.84 13.53
CA GLY B 222 -8.92 10.04 13.79
C GLY B 222 -8.36 10.79 14.98
N VAL B 223 -8.54 12.11 14.96
CA VAL B 223 -7.82 13.00 15.86
C VAL B 223 -8.71 14.14 16.32
N GLY B 224 -8.55 14.54 17.59
CA GLY B 224 -9.24 15.70 18.13
C GLY B 224 -8.41 16.39 19.19
N VAL B 225 -8.68 17.66 19.41
CA VAL B 225 -7.84 18.42 20.36
C VAL B 225 -8.68 18.90 21.52
N ILE B 226 -8.12 18.83 22.73
CA ILE B 226 -8.80 19.34 23.92
C ILE B 226 -7.74 20.03 24.76
N ASP B 227 -7.94 21.31 25.11
CA ASP B 227 -7.00 22.02 25.97
C ASP B 227 -5.57 22.01 25.43
N GLY B 228 -5.42 21.99 24.10
CA GLY B 228 -4.11 21.98 23.49
C GLY B 228 -3.35 20.67 23.53
N HIS B 229 -4.05 19.55 23.74
CA HIS B 229 -3.47 18.20 23.70
C HIS B 229 -4.13 17.41 22.59
N ILE B 230 -3.32 16.73 21.78
CA ILE B 230 -3.83 16.00 20.63
C ILE B 230 -4.18 14.59 21.05
N TYR B 231 -5.37 14.17 20.72
CA TYR B 231 -5.78 12.81 21.01
C TYR B 231 -5.77 12.06 19.69
N ALA B 232 -5.05 10.93 19.70
CA ALA B 232 -4.96 10.02 18.57
C ALA B 232 -5.80 8.79 18.86
N VAL B 233 -6.87 8.55 18.08
CA VAL B 233 -7.81 7.47 18.42
C VAL B 233 -7.88 6.45 17.27
N GLY B 234 -7.52 5.19 17.59
CA GLY B 234 -7.75 4.01 16.77
C GLY B 234 -6.78 3.84 15.62
N GLY B 235 -7.36 3.49 14.47
CA GLY B 235 -6.60 3.27 13.25
C GLY B 235 -5.94 1.90 13.22
N SER B 236 -5.34 1.57 12.06
CA SER B 236 -4.83 0.23 11.78
C SER B 236 -3.31 0.22 11.81
N HIS B 237 -2.73 -0.95 12.10
CA HIS B 237 -1.28 -1.19 11.99
C HIS B 237 -1.12 -2.63 11.51
N GLY B 238 -0.99 -2.82 10.21
CA GLY B 238 -1.00 -4.20 9.75
C GLY B 238 -2.33 -4.88 10.00
N CYS B 239 -2.33 -5.92 10.83
CA CYS B 239 -3.60 -6.60 11.10
C CYS B 239 -4.29 -6.04 12.32
N ILE B 240 -3.58 -5.27 13.16
CA ILE B 240 -4.20 -4.67 14.35
C ILE B 240 -5.18 -3.59 13.93
N HIS B 241 -6.41 -3.69 14.42
CA HIS B 241 -7.34 -2.57 14.38
C HIS B 241 -7.40 -2.01 15.80
N HIS B 242 -6.78 -0.85 16.01
CA HIS B 242 -6.59 -0.34 17.36
C HIS B 242 -7.91 0.04 18.03
N ASN B 243 -7.97 -0.23 19.33
CA ASN B 243 -8.89 0.50 20.14
C ASN B 243 -8.16 1.43 21.11
N SER B 244 -6.85 1.28 21.24
CA SER B 244 -6.07 2.18 22.08
C SER B 244 -6.11 3.62 21.56
N VAL B 245 -6.02 4.58 22.50
CA VAL B 245 -5.88 5.97 22.09
C VAL B 245 -4.81 6.62 22.97
N GLU B 246 -4.20 7.69 22.46
CA GLU B 246 -3.13 8.32 23.21
C GLU B 246 -3.12 9.84 22.99
N ARG B 247 -2.51 10.55 23.92
CA ARG B 247 -2.65 12.00 24.02
C ARG B 247 -1.27 12.65 24.01
N TYR B 248 -1.04 13.56 23.04
CA TYR B 248 0.24 14.25 22.89
C TYR B 248 0.19 15.58 23.63
N GLU B 249 1.17 15.82 24.51
CA GLU B 249 1.29 17.11 25.18
C GLU B 249 2.38 17.88 24.48
N PRO B 250 2.05 18.96 23.75
CA PRO B 250 3.08 19.66 22.97
C PRO B 250 4.07 20.39 23.81
N GLU B 251 3.67 20.85 25.01
CA GLU B 251 4.62 21.47 25.93
C GLU B 251 5.77 20.52 26.28
N ARG B 252 5.52 19.21 26.31
CA ARG B 252 6.52 18.22 26.70
C ARG B 252 7.04 17.36 25.54
N ASP B 253 6.52 17.56 24.33
CA ASP B 253 6.81 16.68 23.19
C ASP B 253 6.74 15.20 23.59
N GLU B 254 5.58 14.81 24.16
CA GLU B 254 5.45 13.49 24.76
C GLU B 254 4.06 12.95 24.51
N TRP B 255 3.99 11.64 24.28
CA TRP B 255 2.72 10.93 24.16
C TRP B 255 2.56 10.03 25.36
N HIS B 256 1.34 9.97 25.87
CA HIS B 256 0.96 8.95 26.85
C HIS B 256 -0.38 8.35 26.44
N LEU B 257 -0.56 7.08 26.80
CA LEU B 257 -1.80 6.40 26.47
C LEU B 257 -2.85 6.76 27.51
N VAL B 258 -4.10 6.70 27.10
CA VAL B 258 -5.26 6.88 27.96
C VAL B 258 -6.21 5.70 27.75
N ALA B 259 -7.35 5.75 28.42
CA ALA B 259 -8.23 4.60 28.38
C ALA B 259 -8.58 4.27 26.94
N PRO B 260 -8.56 2.99 26.56
CA PRO B 260 -8.96 2.62 25.20
C PRO B 260 -10.45 2.64 25.04
N MET B 261 -10.86 2.77 23.78
CA MET B 261 -12.27 2.71 23.44
C MET B 261 -12.84 1.31 23.67
N LEU B 262 -14.17 1.24 23.66
CA LEU B 262 -14.87 -0.02 23.83
C LEU B 262 -14.90 -0.82 22.55
N THR B 263 -14.42 -0.22 21.50
CA THR B 263 -14.59 -0.73 20.17
C THR B 263 -13.31 -0.44 19.43
N ARG B 264 -12.88 -1.43 18.65
CA ARG B 264 -11.81 -1.19 17.71
C ARG B 264 -12.39 -0.37 16.55
N ARG B 265 -11.78 0.78 16.22
CA ARG B 265 -12.30 1.61 15.13
C ARG B 265 -11.15 2.09 14.29
N ILE B 266 -11.28 1.95 12.97
CA ILE B 266 -10.37 2.57 12.02
C ILE B 266 -11.22 3.21 10.93
N GLY B 267 -10.67 4.20 10.24
CA GLY B 267 -11.55 4.99 9.41
C GLY B 267 -12.59 5.64 10.26
N VAL B 268 -12.21 5.96 11.48
CA VAL B 268 -13.05 6.57 12.48
C VAL B 268 -13.17 8.06 12.22
N GLY B 269 -14.25 8.63 12.74
CA GLY B 269 -14.42 10.07 12.79
C GLY B 269 -14.30 10.47 14.25
N VAL B 270 -13.67 11.60 14.50
CA VAL B 270 -13.49 12.10 15.86
C VAL B 270 -13.88 13.58 15.90
N ALA B 271 -14.53 13.99 16.98
CA ALA B 271 -14.88 15.38 17.21
C ALA B 271 -14.86 15.70 18.70
N VAL B 272 -14.57 16.96 19.03
CA VAL B 272 -14.67 17.42 20.40
C VAL B 272 -15.92 18.27 20.55
N LEU B 273 -16.69 17.97 21.60
CA LEU B 273 -17.92 18.68 21.92
C LEU B 273 -18.06 18.66 23.43
N ASN B 274 -18.15 19.85 24.03
CA ASN B 274 -18.32 19.96 25.48
C ASN B 274 -17.16 19.33 26.22
N ARG B 275 -15.95 19.50 25.67
CA ARG B 275 -14.72 18.99 26.29
C ARG B 275 -14.79 17.47 26.49
N LEU B 276 -15.55 16.82 25.61
CA LEU B 276 -15.60 15.37 25.47
C LEU B 276 -15.18 15.00 24.05
N LEU B 277 -14.59 13.81 23.92
CA LEU B 277 -14.10 13.28 22.65
C LEU B 277 -15.11 12.26 22.11
N TYR B 278 -15.67 12.51 20.93
CA TYR B 278 -16.61 11.56 20.36
C TYR B 278 -15.89 10.78 19.26
N ALA B 279 -16.04 9.45 19.27
CA ALA B 279 -15.50 8.58 18.24
C ALA B 279 -16.66 7.93 17.50
N VAL B 280 -16.79 8.22 16.22
CA VAL B 280 -18.00 7.93 15.46
C VAL B 280 -17.67 6.93 14.35
N GLY B 281 -18.52 5.93 14.20
CA GLY B 281 -18.39 4.96 13.13
C GLY B 281 -17.02 4.28 13.07
N GLY B 282 -16.63 3.96 11.84
CA GLY B 282 -15.39 3.27 11.62
C GLY B 282 -15.57 1.81 11.22
N PHE B 283 -14.48 1.06 11.37
CA PHE B 283 -14.38 -0.32 10.95
C PHE B 283 -13.61 -1.05 12.02
N ASP B 284 -14.10 -2.24 12.43
CA ASP B 284 -13.50 -2.94 13.57
C ASP B 284 -12.73 -4.18 13.16
N GLY B 285 -12.33 -4.28 11.89
CA GLY B 285 -11.65 -5.46 11.40
C GLY B 285 -12.56 -6.50 10.81
N THR B 286 -13.88 -6.31 10.94
CA THR B 286 -14.90 -7.29 10.57
C THR B 286 -16.20 -6.59 10.17
N ASN B 287 -16.64 -5.64 11.00
CA ASN B 287 -17.86 -4.90 10.71
C ASN B 287 -17.61 -3.41 10.57
N ARG B 288 -18.23 -2.83 9.56
CA ARG B 288 -18.30 -1.40 9.52
C ARG B 288 -19.35 -0.98 10.53
N LEU B 289 -19.13 0.16 11.14
CA LEU B 289 -19.87 0.57 12.32
C LEU B 289 -20.84 1.71 12.02
N ASN B 290 -21.87 1.75 12.83
CA ASN B 290 -22.67 2.92 13.00
C ASN B 290 -22.68 3.33 14.48
N SER B 291 -22.18 2.46 15.36
CA SER B 291 -22.07 2.82 16.77
C SER B 291 -21.20 4.05 16.96
N ALA B 292 -21.37 4.71 18.09
CA ALA B 292 -20.49 5.83 18.42
C ALA B 292 -20.29 5.82 19.91
N GLU B 293 -19.10 6.12 20.35
CA GLU B 293 -18.88 6.17 21.78
C GLU B 293 -18.21 7.49 22.11
N CYS B 294 -17.87 7.71 23.38
CA CYS B 294 -17.54 9.05 23.83
C CYS B 294 -16.66 9.01 25.08
N TYR B 295 -15.69 9.91 25.16
CA TYR B 295 -14.62 9.80 26.15
C TYR B 295 -14.66 10.97 27.12
N TYR B 296 -14.43 10.69 28.39
CA TYR B 296 -14.50 11.70 29.45
C TYR B 296 -13.08 11.95 29.95
N PRO B 297 -12.43 13.06 29.56
CA PRO B 297 -11.01 13.23 29.89
C PRO B 297 -10.71 13.25 31.37
N GLU B 298 -11.54 13.93 32.15
CA GLU B 298 -11.34 13.93 33.59
C GLU B 298 -11.48 12.53 34.16
N ARG B 299 -12.57 11.84 33.84
CA ARG B 299 -12.80 10.51 34.38
C ARG B 299 -11.96 9.44 33.70
N ASN B 300 -11.47 9.66 32.49
CA ASN B 300 -10.71 8.65 31.73
C ASN B 300 -11.54 7.38 31.54
N GLU B 301 -12.73 7.55 30.98
CA GLU B 301 -13.54 6.40 30.66
C GLU B 301 -14.33 6.69 29.40
N TRP B 302 -14.71 5.62 28.68
CA TRP B 302 -15.55 5.69 27.49
C TRP B 302 -16.98 5.26 27.83
N ARG B 303 -17.92 5.72 27.02
CA ARG B 303 -19.33 5.34 27.10
C ARG B 303 -19.90 5.31 25.69
N MET B 304 -20.60 4.25 25.33
CA MET B 304 -21.32 4.37 24.08
C MET B 304 -22.45 5.39 24.18
N ILE B 305 -22.74 6.01 23.05
CA ILE B 305 -23.79 7.00 22.92
C ILE B 305 -24.70 6.41 21.88
N THR B 306 -25.74 7.17 21.50
CA THR B 306 -26.68 6.73 20.47
C THR B 306 -25.96 6.42 19.16
N ALA B 307 -26.30 5.28 18.54
CA ALA B 307 -25.76 4.97 17.21
C ALA B 307 -26.43 5.80 16.10
N MET B 308 -25.73 5.85 14.96
CA MET B 308 -26.15 6.61 13.79
C MET B 308 -27.22 5.86 13.02
N ASN B 309 -27.97 6.60 12.19
CA ASN B 309 -28.94 5.97 11.30
C ASN B 309 -28.25 5.11 10.24
N THR B 310 -27.03 5.46 9.85
CA THR B 310 -26.29 4.80 8.79
C THR B 310 -24.99 4.21 9.29
N ILE B 311 -24.60 3.07 8.72
CA ILE B 311 -23.25 2.57 8.97
C ILE B 311 -22.28 3.49 8.24
N ARG B 312 -21.25 3.98 8.95
CA ARG B 312 -20.30 4.93 8.34
C ARG B 312 -18.86 4.60 8.75
N SER B 313 -18.15 3.98 7.82
CA SER B 313 -16.71 3.86 7.89
C SER B 313 -16.12 4.83 6.90
N GLY B 314 -15.16 5.64 7.34
CA GLY B 314 -14.53 6.56 6.44
C GLY B 314 -15.28 7.86 6.24
N ALA B 315 -16.13 8.23 7.19
CA ALA B 315 -16.84 9.49 7.06
C ALA B 315 -15.95 10.67 7.49
N GLY B 316 -16.38 11.87 7.11
CA GLY B 316 -15.91 13.08 7.76
C GLY B 316 -16.80 13.47 8.94
N VAL B 317 -16.17 13.80 10.06
CA VAL B 317 -16.88 14.14 11.30
C VAL B 317 -16.30 15.43 11.90
N CYS B 318 -17.17 16.36 12.27
CA CYS B 318 -16.77 17.62 12.89
C CYS B 318 -17.90 18.09 13.80
N VAL B 319 -17.68 19.19 14.53
CA VAL B 319 -18.77 19.87 15.23
C VAL B 319 -18.93 21.29 14.70
N LEU B 320 -20.19 21.71 14.61
CA LEU B 320 -20.58 23.01 14.04
C LEU B 320 -21.84 23.50 14.74
N HIS B 321 -21.71 24.68 15.38
CA HIS B 321 -22.66 25.17 16.37
C HIS B 321 -22.57 24.16 17.52
N ASN B 322 -23.63 23.46 17.88
CA ASN B 322 -23.44 22.57 19.01
C ASN B 322 -23.84 21.15 18.66
N CYS B 323 -23.53 20.74 17.43
CA CYS B 323 -23.89 19.42 16.95
C CYS B 323 -22.69 18.75 16.29
N ILE B 324 -22.69 17.43 16.29
CA ILE B 324 -21.68 16.61 15.59
C ILE B 324 -22.28 16.12 14.30
N TYR B 325 -21.61 16.44 13.19
CA TYR B 325 -22.03 15.99 11.87
C TYR B 325 -21.20 14.79 11.43
N ALA B 326 -21.86 13.85 10.75
CA ALA B 326 -21.15 12.75 10.10
C ALA B 326 -21.51 12.76 8.62
N ALA B 327 -20.54 13.13 7.77
CA ALA B 327 -20.77 13.32 6.34
C ALA B 327 -20.17 12.19 5.52
N GLY B 328 -20.96 11.63 4.60
CA GLY B 328 -20.46 10.64 3.68
C GLY B 328 -19.89 9.46 4.45
N GLY B 329 -18.89 8.84 3.84
CA GLY B 329 -18.36 7.58 4.31
C GLY B 329 -18.81 6.43 3.44
N TYR B 330 -18.68 5.21 3.96
CA TYR B 330 -19.01 3.99 3.21
C TYR B 330 -19.75 3.03 4.13
N ASP B 331 -20.82 2.42 3.62
CA ASP B 331 -21.75 1.66 4.46
C ASP B 331 -21.64 0.14 4.29
N GLY B 332 -20.66 -0.35 3.52
CA GLY B 332 -20.55 -1.76 3.16
C GLY B 332 -21.01 -2.09 1.75
N GLN B 333 -21.87 -1.26 1.17
CA GLN B 333 -22.33 -1.45 -0.20
C GLN B 333 -21.94 -0.28 -1.09
N ASP B 334 -22.32 0.96 -0.74
CA ASP B 334 -21.95 2.13 -1.52
C ASP B 334 -21.35 3.25 -0.66
N GLN B 335 -20.50 4.06 -1.29
CA GLN B 335 -20.17 5.38 -0.75
C GLN B 335 -21.42 6.24 -0.66
N LEU B 336 -21.44 7.15 0.32
CA LEU B 336 -22.63 7.88 0.74
C LEU B 336 -22.53 9.36 0.39
N ASN B 337 -23.67 10.02 0.30
CA ASN B 337 -23.71 11.48 0.41
C ASN B 337 -24.61 11.97 1.53
N SER B 338 -25.26 11.06 2.26
CA SER B 338 -26.08 11.47 3.39
C SER B 338 -25.21 12.13 4.45
N VAL B 339 -25.78 13.12 5.11
CA VAL B 339 -25.14 13.77 6.24
C VAL B 339 -26.12 13.67 7.38
N GLU B 340 -25.72 13.05 8.48
CA GLU B 340 -26.57 13.13 9.66
C GLU B 340 -25.81 13.81 10.77
N ARG B 341 -26.56 14.37 11.73
CA ARG B 341 -26.03 15.25 12.75
C ARG B 341 -26.65 14.92 14.09
N TYR B 342 -25.84 15.02 15.15
CA TYR B 342 -26.22 14.59 16.50
C TYR B 342 -26.34 15.82 17.39
N ASP B 343 -27.07 15.63 18.48
CA ASP B 343 -27.57 16.73 19.28
C ASP B 343 -27.57 16.19 20.70
N VAL B 344 -26.78 16.80 21.61
CA VAL B 344 -26.70 16.24 22.96
C VAL B 344 -28.02 16.46 23.69
N GLU B 345 -28.60 17.66 23.56
CA GLU B 345 -29.94 17.94 24.08
C GLU B 345 -30.85 16.74 23.77
N THR B 346 -31.26 16.61 22.51
CA THR B 346 -32.20 15.57 22.10
C THR B 346 -31.62 14.14 22.27
N GLU B 347 -30.33 13.93 21.99
CA GLU B 347 -29.67 12.61 22.02
C GLU B 347 -30.09 11.72 20.86
N THR B 348 -30.21 12.32 19.68
CA THR B 348 -30.60 11.62 18.46
C THR B 348 -29.78 12.13 17.27
N TRP B 349 -29.67 11.28 16.27
CA TRP B 349 -29.14 11.62 14.97
C TRP B 349 -30.29 11.86 14.00
N THR B 350 -30.17 12.93 13.23
CA THR B 350 -31.19 13.34 12.27
C THR B 350 -30.47 13.81 11.01
N PHE B 351 -30.99 13.41 9.84
CA PHE B 351 -30.31 13.75 8.60
C PHE B 351 -30.49 15.23 8.26
N VAL B 352 -29.56 15.76 7.47
CA VAL B 352 -29.71 17.08 6.87
C VAL B 352 -29.47 16.95 5.37
N ALA B 353 -29.37 18.09 4.68
CA ALA B 353 -29.15 18.08 3.24
C ALA B 353 -27.94 17.20 2.88
N PRO B 354 -28.07 16.29 1.92
CA PRO B 354 -26.92 15.47 1.52
C PRO B 354 -25.99 16.28 0.61
N MET B 355 -24.77 15.76 0.43
CA MET B 355 -23.83 16.46 -0.42
C MET B 355 -24.18 16.23 -1.90
N LYS B 356 -23.65 17.07 -2.78
CA LYS B 356 -23.81 16.81 -4.21
C LYS B 356 -23.15 15.47 -4.57
N HIS B 357 -21.86 15.29 -4.23
CA HIS B 357 -21.10 14.11 -4.61
C HIS B 357 -20.99 13.10 -3.47
N ARG B 358 -21.40 11.84 -3.73
CA ARG B 358 -21.04 10.73 -2.85
C ARG B 358 -19.54 10.80 -2.60
N ARG B 359 -19.13 10.58 -1.35
CA ARG B 359 -17.69 10.50 -1.14
C ARG B 359 -17.39 9.77 0.16
N SER B 360 -16.25 9.09 0.16
CA SER B 360 -15.75 8.37 1.31
C SER B 360 -14.25 8.60 1.39
N ALA B 361 -13.68 8.47 2.58
CA ALA B 361 -12.29 8.85 2.82
C ALA B 361 -12.05 10.31 2.43
N LEU B 362 -12.93 11.18 2.91
CA LEU B 362 -12.85 12.60 2.64
C LEU B 362 -12.21 13.35 3.78
N GLY B 363 -11.75 14.56 3.48
CA GLY B 363 -11.29 15.47 4.51
C GLY B 363 -12.42 16.39 4.92
N ILE B 364 -12.42 16.82 6.19
CA ILE B 364 -13.47 17.70 6.68
C ILE B 364 -12.87 18.69 7.66
N THR B 365 -13.34 19.94 7.58
CA THR B 365 -13.12 20.91 8.64
C THR B 365 -14.25 21.94 8.60
N VAL B 366 -14.16 22.91 9.53
CA VAL B 366 -15.19 23.91 9.78
C VAL B 366 -14.53 25.28 9.79
N HIS B 367 -15.15 26.25 9.10
CA HIS B 367 -14.61 27.58 8.90
C HIS B 367 -15.74 28.60 8.76
N GLN B 368 -15.60 29.74 9.45
CA GLN B 368 -16.75 30.57 9.79
C GLN B 368 -17.86 29.68 10.31
N GLY B 369 -18.95 29.59 9.57
CA GLY B 369 -20.05 28.85 10.16
C GLY B 369 -20.47 27.75 9.26
N ARG B 370 -19.54 27.30 8.43
CA ARG B 370 -19.80 26.35 7.37
C ARG B 370 -18.92 25.10 7.51
N ILE B 371 -19.45 24.00 7.09
CA ILE B 371 -18.67 22.79 6.95
C ILE B 371 -18.00 22.77 5.57
N TYR B 372 -16.75 22.32 5.51
CA TYR B 372 -16.01 22.17 4.26
C TYR B 372 -15.57 20.73 4.16
N VAL B 373 -16.06 20.00 3.14
CA VAL B 373 -15.51 18.68 2.85
C VAL B 373 -14.61 18.76 1.63
N LEU B 374 -13.45 18.12 1.70
CA LEU B 374 -12.47 18.14 0.63
C LEU B 374 -12.15 16.71 0.18
N GLY B 375 -12.37 16.41 -1.09
CA GLY B 375 -11.78 15.23 -1.67
C GLY B 375 -12.59 13.98 -1.44
N GLY B 376 -11.93 12.84 -1.59
CA GLY B 376 -12.51 11.53 -1.32
C GLY B 376 -12.60 10.67 -2.57
N TYR B 377 -12.92 9.38 -2.34
CA TYR B 377 -13.17 8.38 -3.38
C TYR B 377 -14.67 8.16 -3.46
N ASP B 378 -15.23 8.24 -4.68
CA ASP B 378 -16.66 8.16 -4.88
C ASP B 378 -17.09 6.81 -5.44
N GLY B 379 -16.19 5.84 -5.44
CA GLY B 379 -16.40 4.55 -6.05
C GLY B 379 -15.78 4.40 -7.42
N HIS B 380 -15.58 5.51 -8.13
CA HIS B 380 -15.10 5.52 -9.50
C HIS B 380 -13.87 6.41 -9.65
N THR B 381 -13.95 7.66 -9.20
CA THR B 381 -12.84 8.58 -9.37
C THR B 381 -12.48 9.19 -8.01
N PHE B 382 -11.33 9.87 -7.96
CA PHE B 382 -10.92 10.56 -6.75
C PHE B 382 -11.23 12.05 -6.92
N LEU B 383 -12.04 12.60 -6.02
CA LEU B 383 -12.62 13.92 -6.21
C LEU B 383 -11.58 15.02 -6.02
N ASP B 384 -11.67 16.10 -6.84
CA ASP B 384 -11.07 17.39 -6.48
C ASP B 384 -12.09 18.37 -5.90
N SER B 385 -13.33 17.92 -5.72
CA SER B 385 -14.41 18.78 -5.30
C SER B 385 -14.30 19.17 -3.82
N VAL B 386 -14.43 20.48 -3.51
CA VAL B 386 -14.68 20.95 -2.15
C VAL B 386 -16.15 21.39 -2.07
N GLU B 387 -16.87 20.90 -1.07
CA GLU B 387 -18.24 21.31 -0.83
C GLU B 387 -18.33 22.05 0.50
N CYS B 388 -19.17 23.10 0.51
CA CYS B 388 -19.40 23.95 1.66
C CYS B 388 -20.84 23.81 2.10
N TYR B 389 -21.07 23.63 3.40
CA TYR B 389 -22.42 23.46 3.95
C TYR B 389 -22.76 24.64 4.85
N ASP B 390 -23.78 25.42 4.43
CA ASP B 390 -24.32 26.50 5.24
C ASP B 390 -25.50 25.94 6.02
N PRO B 391 -25.46 25.89 7.35
CA PRO B 391 -26.59 25.29 8.07
C PRO B 391 -27.78 26.24 8.19
N ASP B 392 -27.55 27.57 8.10
CA ASP B 392 -28.64 28.55 8.10
C ASP B 392 -29.67 28.23 7.03
N THR B 393 -29.22 27.67 5.91
CA THR B 393 -30.02 27.41 4.73
C THR B 393 -30.16 25.93 4.43
N ASP B 394 -29.53 25.07 5.24
CA ASP B 394 -29.42 23.62 5.03
C ASP B 394 -29.29 23.26 3.53
N THR B 395 -28.25 23.85 2.90
CA THR B 395 -27.86 23.55 1.52
C THR B 395 -26.35 23.45 1.41
N TRP B 396 -25.88 22.57 0.52
CA TRP B 396 -24.47 22.52 0.14
C TRP B 396 -24.24 23.15 -1.21
N SER B 397 -23.10 23.79 -1.36
CA SER B 397 -22.66 24.31 -2.65
C SER B 397 -21.21 23.91 -2.91
N GLU B 398 -20.91 23.68 -4.19
CA GLU B 398 -19.52 23.58 -4.66
C GLU B 398 -18.86 24.96 -4.59
N VAL B 399 -18.02 25.19 -3.57
CA VAL B 399 -17.04 26.27 -3.61
C VAL B 399 -15.89 25.68 -4.42
N THR B 400 -14.64 26.13 -4.26
CA THR B 400 -13.48 25.69 -5.06
C THR B 400 -13.27 24.19 -5.37
N ARG B 401 -12.34 23.87 -6.29
CA ARG B 401 -11.80 22.52 -6.54
C ARG B 401 -10.33 22.49 -6.15
N MET B 402 -9.83 21.32 -5.71
CA MET B 402 -8.44 21.11 -5.32
C MET B 402 -7.52 21.07 -6.55
N THR B 403 -6.22 21.30 -6.34
CA THR B 403 -5.37 21.36 -7.54
C THR B 403 -5.32 20.04 -8.29
N SER B 404 -5.79 18.95 -7.69
CA SER B 404 -5.78 17.60 -8.25
C SER B 404 -6.58 16.70 -7.30
N GLY B 405 -7.38 15.79 -7.86
CA GLY B 405 -8.21 14.93 -7.03
C GLY B 405 -7.37 14.01 -6.14
N ARG B 406 -7.94 13.59 -5.02
CA ARG B 406 -7.25 12.73 -4.06
C ARG B 406 -8.19 12.29 -2.94
N SER B 407 -7.73 11.33 -2.14
CA SER B 407 -8.51 10.78 -1.03
C SER B 407 -7.63 10.71 0.22
N GLY B 408 -8.27 10.71 1.39
CA GLY B 408 -7.54 10.42 2.61
C GLY B 408 -6.61 11.51 3.05
N VAL B 409 -6.95 12.77 2.76
CA VAL B 409 -6.18 13.91 3.25
C VAL B 409 -6.36 14.07 4.76
N GLY B 410 -5.44 14.82 5.36
CA GLY B 410 -5.65 15.47 6.67
C GLY B 410 -5.96 16.94 6.46
N VAL B 411 -6.86 17.50 7.27
CA VAL B 411 -7.34 18.88 7.08
C VAL B 411 -7.44 19.58 8.43
N ALA B 412 -7.08 20.85 8.47
CA ALA B 412 -7.12 21.65 9.70
C ALA B 412 -7.18 23.12 9.31
N VAL B 413 -7.50 24.01 10.27
CA VAL B 413 -7.68 25.45 9.99
C VAL B 413 -6.89 26.35 10.96
N THR B 414 -5.93 27.14 10.43
CA THR B 414 -5.17 28.20 11.16
C THR B 414 -4.93 29.40 10.24
C ACE C 1 -10.20 -0.02 0.87
O ACE C 1 -10.92 0.87 0.83
CH3 ACE C 1 -9.82 -0.63 2.19
N ASP C 2 -9.68 -0.57 -0.32
CA ASP C 2 -9.99 -0.03 -1.62
C ASP C 2 -11.42 0.37 -1.79
N GLU C 3 -12.56 -0.13 -1.08
CA GLU C 3 -13.85 0.42 -1.44
C GLU C 3 -14.11 1.62 -0.58
N GLU C 4 -13.49 1.74 0.68
CA GLU C 4 -13.72 2.86 1.50
C GLU C 4 -12.69 3.81 0.98
N THR C 5 -11.34 3.46 0.69
CA THR C 5 -10.46 4.50 0.18
C THR C 5 -10.06 4.37 -1.24
N GLY C 6 -10.31 3.27 -2.09
CA GLY C 6 -9.81 3.29 -3.43
C GLY C 6 -8.34 2.96 -3.54
N GLU C 7 -7.55 2.76 -2.39
CA GLU C 7 -6.17 2.47 -2.54
C GLU C 7 -5.98 1.06 -2.97
N PHE C 8 -4.68 0.70 -3.41
CA PHE C 8 -4.26 -0.59 -3.85
C PHE C 8 -3.11 -0.88 -2.91
C ACT D . -3.93 -16.95 4.81
O ACT D . -3.43 -15.91 4.28
OXT ACT D . -5.17 -17.19 4.62
CH3 ACT D . -3.00 -17.84 5.66
C ACT E . 1.87 -11.59 9.71
O ACT E . 2.58 -10.65 9.16
OXT ACT E . 0.90 -12.16 9.12
CH3 ACT E . 2.20 -12.06 11.14
C ACT F . 19.35 -31.83 0.39
O ACT F . 18.38 -32.02 1.15
OXT ACT F . 19.19 -31.67 -0.86
CH3 ACT F . 20.72 -31.80 1.08
C ACT G . 25.37 -22.22 1.57
O ACT G . 25.96 -21.41 0.80
OXT ACT G . 24.33 -22.81 1.11
CH3 ACT G . 25.90 -22.46 3.00
C ACT H . -7.78 -16.60 -5.58
O ACT H . -7.53 -15.58 -6.32
OXT ACT H . -7.85 -16.47 -4.29
CH3 ACT H . -8.00 -17.99 -6.28
C ACT I . -6.74 -18.86 -17.31
O ACT I . -5.88 -17.91 -17.06
OXT ACT I . -6.73 -19.92 -16.60
CH3 ACT I . -7.82 -18.78 -18.44
C1 EDO J . -4.98 -5.34 -18.86
O1 EDO J . -4.10 -5.48 -19.98
C2 EDO J . -6.25 -6.18 -19.14
O2 EDO J . -7.02 -6.53 -18.00
C1 EDO K . 4.55 -4.38 -7.65
O1 EDO K . 3.43 -5.08 -8.15
C2 EDO K . 4.69 -3.03 -8.38
O2 EDO K . 5.98 -2.48 -8.08
C1 EDO L . -6.65 -11.99 -26.49
O1 EDO L . -6.83 -13.18 -25.71
C2 EDO L . -5.19 -11.56 -26.35
O2 EDO L . -4.94 -10.54 -27.26
CL CL M . -6.31 1.84 3.37
CL CL N . 0.61 -2.23 17.25
C ACT O . -20.23 -4.43 7.18
O ACT O . -21.13 -3.54 7.38
OXT ACT O . -19.46 -4.35 6.14
CH3 ACT O . -20.09 -5.58 8.19
C ACT P . -14.67 14.67 32.29
O ACT P . -14.54 15.48 31.31
OXT ACT P . -15.69 13.91 32.37
CH3 ACT P . -13.59 14.66 33.42
C ACT Q . 0.49 23.62 -7.20
O ACT Q . -0.42 24.39 -6.68
OXT ACT Q . 1.69 24.05 -7.40
CH3 ACT Q . 0.16 22.14 -7.58
C ACT R . 3.85 19.14 -8.49
O ACT R . 4.91 19.72 -8.89
OXT ACT R . 2.70 19.57 -8.89
CH3 ACT R . 4.00 17.94 -7.51
C1 EDO S . -11.27 13.72 12.01
O1 EDO S . -10.30 12.81 12.49
C2 EDO S . -12.63 13.02 11.74
O2 EDO S . -12.85 12.62 10.39
C1 EDO T . -6.52 -6.55 16.38
O1 EDO T . -6.11 -6.78 17.72
C2 EDO T . -7.99 -6.94 16.12
O2 EDO T . -8.29 -6.61 14.79
C1 EDO U . 8.06 6.14 6.83
O1 EDO U . 7.17 6.18 7.93
C2 EDO U . 7.37 5.68 5.52
O2 EDO U . 8.29 5.60 4.43
NA NA V . -10.38 7.84 6.30
NA NA W . -12.16 -1.07 3.96
#